data_4LYR
#
_entry.id   4LYR
#
_cell.length_a   131.984
_cell.length_b   76.994
_cell.length_c   55.084
_cell.angle_alpha   90.00
_cell.angle_beta   113.34
_cell.angle_gamma   90.00
#
_symmetry.space_group_name_H-M   'C 1 2 1'
#
loop_
_entity.id
_entity.type
_entity.pdbx_description
1 polymer Exo-beta-1,4-mannosidase
2 non-polymer 2-AMINO-2-HYDROXYMETHYL-PROPANE-1,3-DIOL
3 non-polymer '4-(2-HYDROXYETHYL)-1-PIPERAZINE ETHANESULFONIC ACID'
4 water water
#
_entity_poly.entity_id   1
_entity_poly.type   'polypeptide(L)'
_entity_poly.pdbx_seq_one_letter_code
;MGSSHHHHHHSSGLVPRGSHMASMTGGQQMGRGSEFAFVKIASDGKGFTRYGEPYLIRGANYWQGMNLGADDCSGGDRKR
MELEIKQMAEMGINNLRVMASSEGPDDQPYRMRPSMMPQPGKYNEGVFVGLDYLLDTMDRYNMTAVMTLGNFWQWSGGFG
QYVAWITGNQTIPYPVGDVTYDEFTQFAARFYNDSEIAPKANKLFKDHIYTVQNRRNTVNGKIYKEDPVIMSWQIANEPQ
EAPASWFEEISTFIKKGAPKHLVSAGLESKLDEYDFDRAHDHKNIDYTTCHCWVENWGIYDPADPDGLPHANEYMHDFLE
SRSKWAAQLNKPIVMEAFGMARDAWRNPEDETYKYLPSTPTSHKDEYYQKAFNQIVSLASNRSFSGSNFWAYGGEGRSTY
PPNPYGMVWLGDPPHEPHGWYSVYSNDTTVQIIKDYNANLLKVQKELSK
;
_entity_poly.pdbx_strand_id   A
#
# COMPACT_ATOMS: atom_id res chain seq x y z
N PHE A 36 -5.28 -5.88 23.10
CA PHE A 36 -6.34 -4.90 23.65
C PHE A 36 -6.26 -3.53 22.99
N ALA A 37 -5.07 -3.25 22.44
CA ALA A 37 -4.60 -2.01 21.79
C ALA A 37 -5.06 -1.79 20.29
N PHE A 38 -6.35 -1.97 20.00
CA PHE A 38 -6.79 -2.04 18.61
C PHE A 38 -6.94 -0.64 18.11
N VAL A 39 -6.57 -0.37 16.87
CA VAL A 39 -6.76 0.98 16.36
C VAL A 39 -8.27 1.17 16.10
N LYS A 40 -8.82 2.32 16.47
CA LYS A 40 -10.26 2.55 16.34
C LYS A 40 -10.54 3.85 15.62
N ILE A 41 -11.79 4.12 15.26
CA ILE A 41 -12.23 5.46 14.77
C ILE A 41 -12.61 6.33 15.99
N ALA A 42 -12.11 7.55 16.04
CA ALA A 42 -12.56 8.51 17.05
C ALA A 42 -14.11 8.64 17.00
N SER A 43 -14.76 8.78 18.15
CA SER A 43 -16.23 8.95 18.13
C SER A 43 -16.75 10.16 17.33
N ASP A 44 -16.00 11.25 17.22
CA ASP A 44 -16.38 12.38 16.32
C ASP A 44 -16.13 12.00 14.82
N GLY A 45 -15.53 10.83 14.59
CA GLY A 45 -15.26 10.31 13.25
C GLY A 45 -14.22 11.06 12.42
N LYS A 46 -13.44 11.94 13.05
CA LYS A 46 -12.51 12.82 12.33
C LYS A 46 -11.08 12.34 12.41
N GLY A 47 -10.84 11.20 13.05
CA GLY A 47 -9.45 10.69 13.19
C GLY A 47 -9.50 9.29 13.79
N PHE A 48 -8.34 8.64 13.89
CA PHE A 48 -8.21 7.38 14.62
C PHE A 48 -7.85 7.58 16.09
N THR A 49 -8.05 6.52 16.87
CA THR A 49 -7.52 6.52 18.22
C THR A 49 -6.75 5.22 18.49
N ARG A 50 -5.79 5.25 19.40
CA ARG A 50 -5.17 4.03 19.92
C ARG A 50 -4.90 4.37 21.39
N TYR A 51 -5.18 3.40 22.28
CA TYR A 51 -5.08 3.58 23.74
C TYR A 51 -5.88 4.79 24.24
N GLY A 52 -7.00 5.08 23.56
CA GLY A 52 -7.88 6.17 23.95
C GLY A 52 -7.35 7.54 23.57
N GLU A 53 -6.27 7.59 22.80
CA GLU A 53 -5.71 8.89 22.45
C GLU A 53 -5.70 9.02 20.95
N PRO A 54 -5.72 10.26 20.42
CA PRO A 54 -5.56 10.39 18.92
C PRO A 54 -4.35 9.58 18.40
N TYR A 55 -4.46 9.11 17.15
CA TYR A 55 -3.45 8.26 16.54
C TYR A 55 -3.34 8.73 15.13
N LEU A 56 -2.15 9.26 14.82
CA LEU A 56 -1.80 9.74 13.47
C LEU A 56 -0.83 8.76 12.81
N ILE A 57 -1.05 8.62 11.49
CA ILE A 57 -0.36 7.63 10.66
C ILE A 57 0.95 8.18 10.13
N ARG A 58 2.02 7.79 10.76
CA ARG A 58 3.37 8.17 10.41
C ARG A 58 3.83 6.98 9.62
N GLY A 59 3.38 6.90 8.38
CA GLY A 59 3.48 5.63 7.70
C GLY A 59 4.39 5.49 6.51
N ALA A 60 4.56 4.23 6.10
CA ALA A 60 5.35 3.83 4.97
C ALA A 60 4.62 2.69 4.29
N ASN A 61 4.90 2.51 2.99
CA ASN A 61 4.56 1.28 2.25
C ASN A 61 5.73 0.28 2.32
N TYR A 62 5.43 -0.95 2.76
CA TYR A 62 6.41 -2.01 2.80
C TYR A 62 5.79 -3.34 2.24
N TRP A 63 5.35 -3.31 0.97
CA TRP A 63 4.57 -4.43 0.43
C TRP A 63 5.44 -5.68 0.30
N GLN A 64 6.77 -5.50 0.32
CA GLN A 64 7.67 -6.63 0.12
C GLN A 64 8.00 -7.29 1.44
N GLY A 65 7.40 -6.83 2.53
CA GLY A 65 7.71 -7.31 3.86
C GLY A 65 7.52 -8.81 4.01
N MET A 66 6.37 -9.33 3.59
CA MET A 66 6.11 -10.75 3.59
C MET A 66 7.23 -11.57 2.85
N ASN A 67 7.62 -11.12 1.66
CA ASN A 67 8.61 -11.90 0.91
C ASN A 67 10.00 -11.86 1.52
N LEU A 68 10.39 -10.66 1.99
CA LEU A 68 11.63 -10.49 2.74
C LEU A 68 11.66 -11.22 4.03
N GLY A 69 10.55 -11.24 4.77
CA GLY A 69 10.44 -12.06 5.98
C GLY A 69 10.51 -13.56 5.84
N ALA A 70 10.33 -14.08 4.62
CA ALA A 70 10.33 -15.52 4.38
C ALA A 70 11.69 -16.11 4.82
N ASP A 71 11.80 -17.40 5.10
CA ASP A 71 13.17 -17.94 5.18
C ASP A 71 13.86 -17.97 3.83
N ASP A 72 15.18 -18.17 3.92
CA ASP A 72 16.11 -18.11 2.82
C ASP A 72 15.66 -19.01 1.72
N CYS A 73 15.17 -20.18 2.14
CA CYS A 73 14.72 -21.20 1.24
C CYS A 73 13.58 -20.72 0.33
N SER A 74 12.67 -19.88 0.85
CA SER A 74 11.63 -19.24 0.01
C SER A 74 12.01 -17.85 -0.50
N GLY A 75 13.31 -17.56 -0.56
CA GLY A 75 13.77 -16.30 -1.18
C GLY A 75 13.70 -15.05 -0.31
N GLY A 76 13.51 -15.20 1.00
CA GLY A 76 13.55 -14.06 1.90
C GLY A 76 14.94 -13.66 2.36
N ASP A 77 15.03 -12.67 3.22
CA ASP A 77 16.26 -12.30 3.84
C ASP A 77 15.79 -11.64 5.10
N ARG A 78 15.55 -12.48 6.12
CA ARG A 78 14.89 -12.08 7.34
C ARG A 78 15.70 -11.04 8.07
N LYS A 79 17.02 -11.20 8.18
CA LYS A 79 17.87 -10.22 8.90
C LYS A 79 17.75 -8.83 8.24
N ARG A 80 17.55 -8.82 6.92
CA ARG A 80 17.46 -7.58 6.19
C ARG A 80 16.12 -6.97 6.56
N MET A 81 15.09 -7.81 6.64
CA MET A 81 13.76 -7.32 7.02
CA MET A 81 13.78 -7.29 7.02
C MET A 81 13.78 -6.77 8.45
N GLU A 82 14.52 -7.41 9.35
CA GLU A 82 14.54 -6.88 10.71
C GLU A 82 15.27 -5.54 10.73
N LEU A 83 16.31 -5.44 9.92
CA LEU A 83 17.09 -4.21 9.81
C LEU A 83 16.28 -3.03 9.23
N GLU A 84 15.49 -3.29 8.18
CA GLU A 84 14.62 -2.30 7.55
C GLU A 84 13.49 -1.78 8.44
N ILE A 85 12.88 -2.69 9.21
CA ILE A 85 11.87 -2.32 10.20
CA ILE A 85 11.87 -2.27 10.16
C ILE A 85 12.54 -1.43 11.26
N LYS A 86 13.75 -1.81 11.70
CA LYS A 86 14.54 -1.06 12.73
C LYS A 86 14.83 0.33 12.17
N GLN A 87 15.39 0.39 10.95
CA GLN A 87 15.56 1.69 10.26
C GLN A 87 14.30 2.51 10.23
N MET A 88 13.20 1.91 9.81
CA MET A 88 11.92 2.62 9.77
C MET A 88 11.45 3.12 11.15
N ALA A 89 11.78 2.37 12.20
CA ALA A 89 11.46 2.80 13.56
C ALA A 89 12.28 4.05 13.91
N GLU A 90 13.59 4.04 13.60
CA GLU A 90 14.46 5.19 13.81
C GLU A 90 13.96 6.39 13.02
N MET A 91 13.34 6.20 11.84
CA MET A 91 12.77 7.37 11.09
C MET A 91 11.41 7.85 11.64
N GLY A 92 10.91 7.24 12.73
CA GLY A 92 9.64 7.61 13.36
C GLY A 92 8.34 7.06 12.74
N ILE A 93 8.47 6.01 11.93
CA ILE A 93 7.36 5.35 11.29
C ILE A 93 6.56 4.47 12.29
N ASN A 94 5.23 4.64 12.33
CA ASN A 94 4.43 3.82 13.24
C ASN A 94 3.48 2.83 12.52
N ASN A 95 3.49 2.78 11.19
CA ASN A 95 2.47 2.11 10.42
C ASN A 95 3.07 1.67 9.11
N LEU A 96 2.96 0.38 8.78
CA LEU A 96 3.39 -0.13 7.45
C LEU A 96 2.17 -0.59 6.68
N ARG A 97 1.94 -0.06 5.46
CA ARG A 97 0.95 -0.70 4.55
C ARG A 97 1.67 -1.86 3.85
N VAL A 98 1.17 -3.06 4.10
CA VAL A 98 1.81 -4.28 3.65
C VAL A 98 0.90 -5.11 2.79
N MET A 99 1.49 -6.07 2.10
CA MET A 99 0.72 -6.86 1.15
C MET A 99 0.49 -8.23 1.79
N ALA A 100 -0.79 -8.62 1.86
CA ALA A 100 -1.14 -9.82 2.59
C ALA A 100 -1.85 -10.81 1.59
N SER A 101 -1.33 -10.77 0.36
CA SER A 101 -1.77 -11.62 -0.71
C SER A 101 -0.71 -11.60 -1.79
N SER A 102 -0.64 -12.69 -2.54
CA SER A 102 -0.03 -12.71 -3.88
C SER A 102 -0.32 -14.05 -4.54
N GLU A 103 -0.68 -14.00 -5.80
CA GLU A 103 -1.19 -15.19 -6.49
C GLU A 103 -0.19 -15.74 -7.53
N GLY A 104 -0.06 -17.07 -7.61
CA GLY A 104 0.72 -17.69 -8.67
C GLY A 104 -0.17 -17.80 -9.91
N PRO A 105 0.17 -18.71 -10.84
CA PRO A 105 1.35 -19.61 -10.84
C PRO A 105 2.69 -18.85 -10.88
N ASP A 106 3.77 -19.51 -10.42
CA ASP A 106 5.07 -18.86 -10.26
C ASP A 106 5.89 -18.73 -11.54
N ASP A 107 5.28 -18.93 -12.68
CA ASP A 107 6.00 -18.81 -13.92
C ASP A 107 5.69 -17.52 -14.66
N GLN A 108 4.79 -16.69 -14.10
CA GLN A 108 4.27 -15.50 -14.77
C GLN A 108 5.19 -14.30 -14.63
N PRO A 109 5.28 -13.46 -15.67
CA PRO A 109 6.21 -12.37 -15.50
C PRO A 109 5.54 -11.28 -14.70
N TYR A 110 6.33 -10.28 -14.28
CA TYR A 110 5.84 -9.02 -13.69
C TYR A 110 5.25 -9.15 -12.31
N ARG A 111 5.53 -10.21 -11.59
CA ARG A 111 4.92 -10.37 -10.23
C ARG A 111 5.87 -10.95 -9.18
N MET A 112 5.52 -10.72 -7.93
CA MET A 112 6.19 -11.33 -6.78
C MET A 112 6.35 -12.85 -6.94
N ARG A 113 7.58 -13.31 -6.64
CA ARG A 113 7.93 -14.72 -6.69
C ARG A 113 8.85 -15.01 -5.51
N PRO A 114 8.59 -16.12 -4.78
CA PRO A 114 7.44 -17.04 -4.96
C PRO A 114 6.14 -16.42 -4.38
N SER A 115 5.01 -16.74 -4.98
CA SER A 115 3.75 -16.24 -4.51
C SER A 115 3.33 -16.94 -3.20
N MET A 116 2.40 -16.30 -2.51
CA MET A 116 1.83 -16.78 -1.27
C MET A 116 0.85 -17.91 -1.54
N MET A 117 0.03 -17.72 -2.58
CA MET A 117 -0.98 -18.65 -3.05
C MET A 117 -0.81 -18.97 -4.55
N PRO A 118 0.10 -19.90 -4.84
CA PRO A 118 0.36 -20.31 -6.24
C PRO A 118 -0.87 -20.88 -6.97
N GLN A 119 -1.79 -21.50 -6.24
CA GLN A 119 -3.09 -21.92 -6.82
C GLN A 119 -4.17 -21.60 -5.84
N PRO A 120 -5.42 -21.51 -6.34
CA PRO A 120 -6.53 -21.18 -5.44
C PRO A 120 -6.56 -22.11 -4.25
N GLY A 121 -6.42 -21.56 -3.06
CA GLY A 121 -6.53 -22.36 -1.86
C GLY A 121 -5.31 -23.16 -1.48
N LYS A 122 -4.23 -23.14 -2.28
CA LYS A 122 -2.92 -23.83 -1.93
C LYS A 122 -1.83 -22.79 -1.63
N TYR A 123 -1.20 -22.89 -0.47
CA TYR A 123 -0.31 -21.82 -0.05
C TYR A 123 1.12 -22.28 0.04
N ASN A 124 2.02 -21.37 -0.25
CA ASN A 124 3.42 -21.61 0.00
C ASN A 124 3.63 -21.25 1.48
N GLU A 125 3.78 -22.28 2.31
CA GLU A 125 3.93 -22.08 3.76
C GLU A 125 5.15 -21.23 4.08
N GLY A 126 6.23 -21.36 3.29
CA GLY A 126 7.41 -20.53 3.50
C GLY A 126 7.13 -19.04 3.33
N VAL A 127 6.28 -18.69 2.36
CA VAL A 127 5.93 -17.28 2.17
C VAL A 127 5.00 -16.84 3.29
N PHE A 128 4.05 -17.70 3.70
CA PHE A 128 3.13 -17.35 4.78
C PHE A 128 3.86 -17.12 6.10
N VAL A 129 4.90 -17.91 6.35
CA VAL A 129 5.69 -17.74 7.57
C VAL A 129 6.36 -16.35 7.54
N GLY A 130 6.64 -15.83 6.34
CA GLY A 130 7.28 -14.55 6.22
C GLY A 130 6.31 -13.47 6.64
N LEU A 131 5.02 -13.67 6.32
CA LEU A 131 4.02 -12.73 6.80
C LEU A 131 3.96 -12.76 8.34
N ASP A 132 4.01 -13.96 8.93
CA ASP A 132 4.13 -14.12 10.38
C ASP A 132 5.28 -13.28 10.98
N TYR A 133 6.47 -13.42 10.40
CA TYR A 133 7.66 -12.73 10.91
C TYR A 133 7.58 -11.25 10.69
N LEU A 134 6.95 -10.84 9.59
CA LEU A 134 6.75 -9.43 9.36
C LEU A 134 5.87 -8.87 10.48
N LEU A 135 4.78 -9.58 10.79
CA LEU A 135 3.86 -9.08 11.85
C LEU A 135 4.48 -9.15 13.24
N ASP A 136 5.33 -10.12 13.47
CA ASP A 136 5.99 -10.24 14.75
C ASP A 136 7.07 -9.15 15.01
N THR A 137 7.90 -8.89 14.00
CA THR A 137 8.86 -7.81 14.01
C THR A 137 8.19 -6.44 14.13
N MET A 138 7.18 -6.16 13.32
CA MET A 138 6.32 -4.95 13.54
C MET A 138 5.81 -4.89 14.98
N ASP A 139 5.41 -6.04 15.52
CA ASP A 139 5.03 -6.14 16.93
C ASP A 139 6.15 -5.65 17.90
N ARG A 140 7.35 -6.24 17.78
CA ARG A 140 8.50 -5.83 18.55
C ARG A 140 8.73 -4.32 18.51
N TYR A 141 8.35 -3.64 17.42
CA TYR A 141 8.53 -2.19 17.28
C TYR A 141 7.28 -1.35 17.52
N ASN A 142 6.24 -1.99 18.02
CA ASN A 142 5.02 -1.25 18.34
C ASN A 142 4.39 -0.54 17.09
N MET A 143 4.53 -1.15 15.92
CA MET A 143 3.98 -0.58 14.70
C MET A 143 2.65 -1.29 14.41
N THR A 144 1.75 -0.63 13.67
CA THR A 144 0.53 -1.23 13.22
C THR A 144 0.60 -1.44 11.72
N ALA A 145 -0.20 -2.40 11.21
CA ALA A 145 -0.18 -2.82 9.79
C ALA A 145 -1.53 -2.63 9.11
N VAL A 146 -1.47 -2.17 7.89
CA VAL A 146 -2.61 -2.18 7.00
C VAL A 146 -2.43 -3.40 6.09
N MET A 147 -3.37 -4.32 6.15
CA MET A 147 -3.17 -5.60 5.47
C MET A 147 -3.94 -5.63 4.13
N THR A 148 -3.22 -5.48 3.02
CA THR A 148 -3.86 -5.42 1.73
C THR A 148 -4.11 -6.85 1.29
N LEU A 149 -5.37 -7.21 1.06
CA LEU A 149 -5.79 -8.64 0.87
C LEU A 149 -5.90 -9.04 -0.60
N GLY A 150 -5.82 -8.04 -1.50
CA GLY A 150 -5.69 -8.30 -2.94
C GLY A 150 -5.16 -7.08 -3.68
N ASN A 151 -5.20 -7.19 -5.00
CA ASN A 151 -4.54 -6.24 -5.86
C ASN A 151 -5.20 -6.18 -7.23
N PHE A 152 -5.56 -4.96 -7.66
CA PHE A 152 -6.16 -4.87 -8.95
C PHE A 152 -5.09 -5.17 -10.04
N TRP A 153 -3.86 -4.74 -9.80
CA TRP A 153 -2.75 -4.82 -10.73
C TRP A 153 -2.02 -6.19 -10.77
N GLN A 154 -1.11 -6.33 -11.77
CA GLN A 154 -0.50 -7.60 -12.17
C GLN A 154 0.64 -7.98 -11.25
N TRP A 155 1.07 -7.04 -10.42
CA TRP A 155 2.32 -7.25 -9.70
C TRP A 155 2.32 -8.21 -8.56
N SER A 156 1.13 -8.65 -8.17
CA SER A 156 0.98 -9.76 -7.20
C SER A 156 0.02 -10.83 -7.76
N GLY A 157 -0.07 -10.90 -9.09
CA GLY A 157 -1.11 -11.64 -9.79
C GLY A 157 -2.42 -10.86 -9.74
N GLY A 158 -3.06 -10.82 -8.58
CA GLY A 158 -4.21 -9.92 -8.39
C GLY A 158 -5.45 -10.31 -9.12
N PHE A 159 -6.36 -9.36 -9.28
CA PHE A 159 -7.69 -9.61 -9.81
C PHE A 159 -7.66 -10.28 -11.18
N GLY A 160 -6.67 -9.91 -12.00
CA GLY A 160 -6.44 -10.46 -13.34
C GLY A 160 -6.05 -11.93 -13.30
N GLN A 161 -5.33 -12.32 -12.25
CA GLN A 161 -5.06 -13.72 -12.05
C GLN A 161 -6.30 -14.55 -11.57
N TYR A 162 -7.06 -14.03 -10.60
CA TYR A 162 -8.33 -14.68 -10.29
C TYR A 162 -9.22 -14.89 -11.59
N VAL A 163 -9.38 -13.85 -12.41
CA VAL A 163 -10.04 -13.99 -13.72
C VAL A 163 -9.47 -15.14 -14.60
N ALA A 164 -8.13 -15.22 -14.70
CA ALA A 164 -7.46 -16.28 -15.45
C ALA A 164 -7.80 -17.62 -14.82
N TRP A 165 -7.76 -17.73 -13.50
CA TRP A 165 -8.14 -19.00 -12.85
C TRP A 165 -9.52 -19.50 -13.22
N ILE A 166 -10.52 -18.59 -13.19
CA ILE A 166 -11.90 -18.89 -13.55
C ILE A 166 -12.15 -19.20 -15.05
N THR A 167 -11.65 -18.38 -15.95
CA THR A 167 -11.87 -18.60 -17.35
C THR A 167 -11.00 -19.77 -17.80
N GLY A 168 -10.00 -20.15 -17.00
CA GLY A 168 -9.09 -21.24 -17.33
C GLY A 168 -8.08 -20.89 -18.43
N ASN A 169 -7.97 -19.63 -18.78
CA ASN A 169 -7.02 -19.19 -19.75
C ASN A 169 -5.91 -18.38 -19.08
N GLN A 170 -4.73 -18.97 -18.95
CA GLN A 170 -3.58 -18.30 -18.29
C GLN A 170 -2.86 -17.21 -19.14
N THR A 171 -3.42 -16.76 -20.25
CA THR A 171 -2.70 -15.77 -21.04
C THR A 171 -3.31 -14.43 -20.70
N ILE A 172 -2.93 -13.88 -19.57
CA ILE A 172 -3.37 -12.56 -19.13
C ILE A 172 -2.81 -11.47 -20.09
N PRO A 173 -3.68 -10.54 -20.56
CA PRO A 173 -3.23 -9.46 -21.44
C PRO A 173 -2.44 -8.37 -20.68
N TYR A 174 -1.18 -8.67 -20.29
CA TYR A 174 -0.29 -7.75 -19.55
C TYR A 174 -0.09 -6.49 -20.35
N PRO A 175 -0.05 -5.32 -19.71
CA PRO A 175 0.06 -4.05 -20.47
C PRO A 175 1.45 -3.69 -20.94
N VAL A 176 1.98 -4.43 -21.90
CA VAL A 176 3.31 -4.22 -22.50
C VAL A 176 3.17 -4.51 -23.98
N GLY A 177 4.12 -4.00 -24.78
CA GLY A 177 4.13 -4.18 -26.24
C GLY A 177 2.91 -3.46 -26.80
N ASP A 178 2.11 -4.19 -27.55
CA ASP A 178 0.94 -3.57 -28.14
C ASP A 178 -0.28 -3.46 -27.23
N VAL A 179 -0.30 -4.19 -26.11
CA VAL A 179 -1.45 -4.21 -25.19
C VAL A 179 -1.40 -3.00 -24.22
N THR A 180 -2.51 -2.26 -24.16
CA THR A 180 -2.62 -1.00 -23.41
C THR A 180 -3.06 -1.17 -21.95
N TYR A 181 -2.94 -0.14 -21.13
CA TYR A 181 -3.41 -0.27 -19.76
C TYR A 181 -4.94 -0.46 -19.73
N ASP A 182 -5.71 0.09 -20.66
CA ASP A 182 -7.11 -0.14 -20.46
C ASP A 182 -7.66 -1.45 -21.09
N GLU A 183 -6.96 -1.99 -22.07
CA GLU A 183 -7.21 -3.39 -22.37
C GLU A 183 -7.02 -4.29 -21.10
N PHE A 184 -5.93 -4.09 -20.35
CA PHE A 184 -5.69 -4.89 -19.16
C PHE A 184 -6.73 -4.60 -18.05
N THR A 185 -7.02 -3.34 -17.81
CA THR A 185 -8.06 -2.90 -16.88
C THR A 185 -9.42 -3.57 -17.15
N GLN A 186 -9.78 -3.62 -18.42
CA GLN A 186 -11.08 -4.17 -18.82
C GLN A 186 -11.15 -5.70 -18.54
N PHE A 187 -10.03 -6.40 -18.79
CA PHE A 187 -9.84 -7.77 -18.43
C PHE A 187 -9.91 -8.07 -16.89
N ALA A 188 -9.11 -7.37 -16.10
CA ALA A 188 -9.06 -7.60 -14.66
C ALA A 188 -10.40 -7.19 -13.95
N ALA A 189 -11.07 -6.17 -14.46
CA ALA A 189 -12.34 -5.67 -13.88
C ALA A 189 -13.45 -6.70 -14.02
N ARG A 190 -13.27 -7.70 -14.88
CA ARG A 190 -14.29 -8.78 -15.01
C ARG A 190 -14.53 -9.44 -13.67
N PHE A 191 -13.51 -9.41 -12.81
CA PHE A 191 -13.51 -9.83 -11.39
C PHE A 191 -14.73 -9.35 -10.60
N TYR A 192 -15.17 -8.13 -10.87
CA TYR A 192 -16.33 -7.64 -10.17
C TYR A 192 -17.45 -7.19 -11.16
N ASN A 193 -17.14 -7.06 -12.47
CA ASN A 193 -18.11 -6.57 -13.48
C ASN A 193 -18.80 -7.66 -14.33
N ASP A 194 -18.24 -8.84 -14.39
CA ASP A 194 -18.77 -9.89 -15.23
C ASP A 194 -19.66 -10.80 -14.34
N SER A 195 -20.95 -10.85 -14.68
CA SER A 195 -21.93 -11.49 -13.82
C SER A 195 -21.73 -13.04 -13.80
N GLU A 196 -20.97 -13.55 -14.73
CA GLU A 196 -20.57 -14.93 -14.64
C GLU A 196 -19.20 -15.18 -13.93
N ILE A 197 -18.19 -14.40 -14.28
CA ILE A 197 -16.90 -14.57 -13.62
C ILE A 197 -16.91 -14.10 -12.13
N ALA A 198 -17.61 -13.00 -11.85
CA ALA A 198 -17.47 -12.34 -10.53
C ALA A 198 -17.85 -13.26 -9.33
N PRO A 199 -19.00 -13.99 -9.45
CA PRO A 199 -19.35 -14.81 -8.29
C PRO A 199 -18.26 -15.86 -8.03
N LYS A 200 -17.68 -16.42 -9.09
CA LYS A 200 -16.65 -17.45 -8.88
C LYS A 200 -15.31 -16.85 -8.42
N ALA A 201 -14.95 -15.72 -8.99
CA ALA A 201 -13.72 -15.07 -8.62
C ALA A 201 -13.78 -14.61 -7.14
N ASN A 202 -14.92 -14.09 -6.74
CA ASN A 202 -15.09 -13.62 -5.40
C ASN A 202 -15.19 -14.71 -4.39
N LYS A 203 -15.68 -15.89 -4.78
CA LYS A 203 -15.69 -17.04 -3.88
C LYS A 203 -14.20 -17.35 -3.55
N LEU A 204 -13.33 -17.36 -4.56
CA LEU A 204 -11.88 -17.62 -4.34
C LEU A 204 -11.21 -16.54 -3.47
N PHE A 205 -11.58 -15.30 -3.75
CA PHE A 205 -11.01 -14.19 -3.07
C PHE A 205 -11.44 -14.31 -1.59
N LYS A 206 -12.72 -14.56 -1.32
CA LYS A 206 -13.20 -14.73 0.08
C LYS A 206 -12.53 -15.94 0.79
N ASP A 207 -12.25 -17.03 0.07
CA ASP A 207 -11.47 -18.11 0.69
C ASP A 207 -10.09 -17.62 1.15
N HIS A 208 -9.55 -16.66 0.40
CA HIS A 208 -8.26 -16.11 0.75
C HIS A 208 -8.37 -15.18 1.93
N ILE A 209 -9.42 -14.37 1.96
CA ILE A 209 -9.60 -13.42 3.06
C ILE A 209 -9.70 -14.17 4.40
N TYR A 210 -10.53 -15.22 4.37
CA TYR A 210 -10.75 -16.11 5.48
C TYR A 210 -9.42 -16.73 5.91
N THR A 211 -8.59 -17.19 4.95
CA THR A 211 -7.39 -17.92 5.34
C THR A 211 -6.42 -17.00 6.10
N VAL A 212 -6.33 -15.75 5.61
CA VAL A 212 -5.47 -14.75 6.24
C VAL A 212 -6.01 -14.30 7.59
N GLN A 213 -7.29 -13.97 7.68
CA GLN A 213 -7.85 -13.50 8.94
C GLN A 213 -7.79 -14.58 10.01
N ASN A 214 -7.84 -15.84 9.60
CA ASN A 214 -7.77 -16.96 10.59
C ASN A 214 -6.36 -17.57 10.76
N ARG A 215 -5.35 -16.96 10.16
CA ARG A 215 -3.98 -17.49 10.27
C ARG A 215 -3.51 -17.43 11.73
N ARG A 216 -2.93 -18.55 12.22
CA ARG A 216 -2.22 -18.55 13.51
C ARG A 216 -0.82 -18.09 13.20
N ASN A 217 -0.38 -16.99 13.81
CA ASN A 217 1.01 -16.60 13.67
C ASN A 217 1.90 -17.67 14.29
N THR A 218 2.76 -18.28 13.49
CA THR A 218 3.54 -19.41 13.96
C THR A 218 4.69 -18.99 14.91
N VAL A 219 4.97 -17.68 14.93
CA VAL A 219 6.05 -17.10 15.71
C VAL A 219 5.56 -16.59 17.05
N ASN A 220 4.44 -15.87 17.10
CA ASN A 220 3.96 -15.34 18.42
C ASN A 220 2.64 -15.97 18.92
N GLY A 221 2.13 -16.96 18.16
CA GLY A 221 0.88 -17.62 18.51
C GLY A 221 -0.44 -16.89 18.29
N LYS A 222 -0.44 -15.60 17.88
CA LYS A 222 -1.71 -14.85 17.72
C LYS A 222 -2.47 -15.22 16.42
N ILE A 223 -3.79 -15.28 16.49
CA ILE A 223 -4.55 -15.41 15.27
C ILE A 223 -4.69 -13.97 14.71
N TYR A 224 -4.60 -13.82 13.39
CA TYR A 224 -4.49 -12.51 12.82
C TYR A 224 -5.72 -11.65 13.19
N LYS A 225 -6.93 -12.20 13.13
CA LYS A 225 -8.14 -11.43 13.47
C LYS A 225 -8.19 -10.87 14.90
N GLU A 226 -7.29 -11.35 15.77
CA GLU A 226 -7.23 -10.88 17.17
C GLU A 226 -5.88 -10.24 17.45
N ASP A 227 -5.14 -9.93 16.39
CA ASP A 227 -3.87 -9.28 16.53
C ASP A 227 -4.00 -7.71 16.46
N PRO A 228 -3.85 -7.02 17.62
CA PRO A 228 -3.89 -5.57 17.71
C PRO A 228 -2.74 -4.88 16.94
N VAL A 229 -1.74 -5.63 16.53
CA VAL A 229 -0.75 -5.13 15.56
C VAL A 229 -1.38 -4.76 14.20
N ILE A 230 -2.45 -5.45 13.81
CA ILE A 230 -3.09 -5.17 12.55
C ILE A 230 -4.09 -4.02 12.78
N MET A 231 -3.86 -2.91 12.12
CA MET A 231 -4.75 -1.79 12.22
C MET A 231 -5.97 -2.04 11.33
N SER A 232 -5.78 -2.51 10.09
CA SER A 232 -6.94 -2.62 9.23
C SER A 232 -6.75 -3.68 8.16
N TRP A 233 -7.87 -4.19 7.65
CA TRP A 233 -7.92 -5.11 6.51
C TRP A 233 -8.34 -4.29 5.34
N GLN A 234 -7.62 -4.42 4.22
CA GLN A 234 -7.89 -3.57 3.12
C GLN A 234 -8.28 -4.49 1.98
N ILE A 235 -9.44 -4.19 1.39
CA ILE A 235 -10.06 -5.04 0.40
C ILE A 235 -9.03 -5.37 -0.69
N ALA A 236 -8.40 -4.34 -1.22
CA ALA A 236 -7.55 -4.49 -2.40
C ALA A 236 -6.84 -3.22 -2.71
N ASN A 237 -5.70 -3.40 -3.32
CA ASN A 237 -4.97 -2.28 -3.92
C ASN A 237 -5.67 -1.74 -5.18
N GLU A 238 -6.23 -0.55 -5.07
CA GLU A 238 -6.68 0.23 -6.26
C GLU A 238 -7.71 -0.45 -7.19
N PRO A 239 -8.85 -0.82 -6.61
CA PRO A 239 -10.02 -1.28 -7.40
C PRO A 239 -10.33 -0.19 -8.38
N GLN A 240 -10.53 -0.53 -9.65
CA GLN A 240 -10.78 0.44 -10.73
C GLN A 240 -12.26 0.45 -11.09
N GLU A 241 -12.96 1.52 -10.68
CA GLU A 241 -14.43 1.69 -10.85
C GLU A 241 -15.23 0.41 -10.52
N ALA A 242 -15.08 -0.08 -9.29
CA ALA A 242 -15.74 -1.31 -8.82
C ALA A 242 -17.16 -0.98 -8.36
N PRO A 243 -18.09 -1.95 -8.47
CA PRO A 243 -19.43 -1.43 -8.13
C PRO A 243 -19.61 -1.21 -6.63
N ALA A 244 -20.48 -0.27 -6.26
CA ALA A 244 -20.87 -0.06 -4.81
C ALA A 244 -21.29 -1.35 -4.15
N SER A 245 -22.02 -2.22 -4.86
CA SER A 245 -22.49 -3.49 -4.24
C SER A 245 -21.34 -4.41 -3.93
N TRP A 246 -20.27 -4.33 -4.70
CA TRP A 246 -19.08 -5.10 -4.39
C TRP A 246 -18.34 -4.58 -3.16
N PHE A 247 -18.14 -3.25 -3.07
CA PHE A 247 -17.58 -2.71 -1.85
C PHE A 247 -18.41 -3.07 -0.61
N GLU A 248 -19.75 -3.00 -0.77
CA GLU A 248 -20.64 -3.36 0.31
CA GLU A 248 -20.65 -3.37 0.31
C GLU A 248 -20.44 -4.84 0.70
N GLU A 249 -20.46 -5.73 -0.26
CA GLU A 249 -20.37 -7.18 0.01
C GLU A 249 -19.01 -7.61 0.64
N ILE A 250 -17.92 -7.14 0.08
CA ILE A 250 -16.60 -7.45 0.59
C ILE A 250 -16.26 -6.81 1.94
N SER A 251 -16.63 -5.54 2.14
CA SER A 251 -16.41 -4.92 3.45
C SER A 251 -17.19 -5.63 4.58
N THR A 252 -18.41 -6.06 4.27
CA THR A 252 -19.21 -6.76 5.26
C THR A 252 -18.60 -8.17 5.58
N PHE A 253 -18.10 -8.84 4.53
CA PHE A 253 -17.42 -10.11 4.76
C PHE A 253 -16.18 -9.95 5.65
N ILE A 254 -15.36 -8.92 5.40
CA ILE A 254 -14.12 -8.70 6.16
C ILE A 254 -14.46 -8.32 7.58
N LYS A 255 -15.43 -7.43 7.76
CA LYS A 255 -15.82 -7.03 9.14
C LYS A 255 -16.37 -8.26 9.95
N LYS A 256 -17.27 -9.06 9.35
CA LYS A 256 -17.81 -10.23 10.04
C LYS A 256 -16.69 -11.19 10.39
N GLY A 257 -15.70 -11.33 9.50
CA GLY A 257 -14.57 -12.21 9.76
C GLY A 257 -13.59 -11.76 10.84
N ALA A 258 -13.52 -10.44 11.08
CA ALA A 258 -12.65 -9.83 12.09
C ALA A 258 -13.29 -8.60 12.74
N PRO A 259 -14.37 -8.79 13.55
CA PRO A 259 -15.18 -7.66 14.06
C PRO A 259 -14.36 -6.64 14.83
N LYS A 260 -13.18 -7.00 15.31
CA LYS A 260 -12.37 -6.05 16.06
C LYS A 260 -11.57 -5.00 15.22
N HIS A 261 -11.48 -5.24 13.91
CA HIS A 261 -10.52 -4.55 13.08
C HIS A 261 -11.21 -3.54 12.24
N LEU A 262 -10.53 -2.43 11.99
CA LEU A 262 -11.01 -1.47 10.99
C LEU A 262 -10.95 -2.13 9.60
N VAL A 263 -11.82 -1.68 8.69
CA VAL A 263 -11.76 -2.08 7.30
C VAL A 263 -11.61 -0.84 6.43
N SER A 264 -10.89 -0.99 5.32
CA SER A 264 -10.51 0.05 4.37
C SER A 264 -10.67 -0.46 2.89
N ALA A 265 -10.95 0.43 1.95
CA ALA A 265 -11.17 0.01 0.57
C ALA A 265 -9.92 -0.05 -0.34
N GLY A 266 -8.86 0.70 -0.06
CA GLY A 266 -7.70 0.74 -0.96
C GLY A 266 -7.89 1.55 -2.22
N LEU A 267 -8.76 2.56 -2.19
CA LEU A 267 -9.11 3.34 -3.38
C LEU A 267 -8.08 4.43 -3.60
N GLU A 268 -7.75 4.73 -4.86
CA GLU A 268 -6.92 5.93 -5.18
C GLU A 268 -7.63 7.24 -4.90
N SER A 269 -8.96 7.31 -5.09
CA SER A 269 -9.69 8.56 -5.07
C SER A 269 -9.11 9.52 -6.13
N LYS A 270 -8.81 8.98 -7.32
CA LYS A 270 -8.24 9.77 -8.39
C LYS A 270 -9.26 10.37 -9.36
N LEU A 271 -10.57 10.13 -9.17
CA LEU A 271 -11.64 10.59 -10.09
C LEU A 271 -12.46 11.71 -9.43
N ASP A 272 -13.69 11.41 -9.07
CA ASP A 272 -14.56 12.45 -8.57
C ASP A 272 -15.15 12.02 -7.21
N GLU A 273 -15.93 12.91 -6.59
CA GLU A 273 -16.45 12.65 -5.27
C GLU A 273 -17.44 11.45 -5.29
N TYR A 274 -18.13 11.25 -6.39
CA TYR A 274 -18.96 10.08 -6.45
C TYR A 274 -18.20 8.76 -6.43
N ASP A 275 -17.15 8.61 -7.26
CA ASP A 275 -16.23 7.46 -7.19
C ASP A 275 -15.76 7.19 -5.76
N PHE A 276 -15.37 8.27 -5.07
CA PHE A 276 -14.95 8.21 -3.69
C PHE A 276 -16.05 7.65 -2.81
N ASP A 277 -17.27 8.16 -2.97
CA ASP A 277 -18.40 7.69 -2.21
C ASP A 277 -18.81 6.25 -2.54
N ARG A 278 -18.65 5.86 -3.81
CA ARG A 278 -19.00 4.53 -4.19
C ARG A 278 -18.14 3.54 -3.43
N ALA A 279 -16.87 3.89 -3.18
CA ALA A 279 -15.98 2.99 -2.43
C ALA A 279 -16.15 3.14 -0.90
N HIS A 280 -16.46 4.35 -0.42
CA HIS A 280 -16.27 4.62 1.02
C HIS A 280 -17.53 4.79 1.80
N ASP A 281 -18.64 5.01 1.10
CA ASP A 281 -19.89 5.25 1.81
C ASP A 281 -20.66 3.94 2.22
N HIS A 282 -20.08 3.20 3.17
CA HIS A 282 -20.54 1.88 3.56
C HIS A 282 -20.26 1.73 4.99
N LYS A 283 -21.26 1.18 5.72
CA LYS A 283 -21.19 1.02 7.15
C LYS A 283 -19.88 0.34 7.57
N ASN A 284 -19.38 -0.60 6.75
CA ASN A 284 -18.25 -1.43 7.14
C ASN A 284 -16.99 -1.01 6.40
N ILE A 285 -17.00 0.20 5.85
CA ILE A 285 -15.78 0.90 5.48
C ILE A 285 -15.54 1.99 6.51
N ASP A 286 -14.49 1.82 7.30
CA ASP A 286 -14.30 2.64 8.50
C ASP A 286 -13.56 3.99 8.23
N TYR A 287 -12.62 4.00 7.29
CA TYR A 287 -11.91 5.25 7.02
C TYR A 287 -11.71 5.31 5.52
N THR A 288 -11.16 6.40 4.99
CA THR A 288 -11.00 6.55 3.53
C THR A 288 -9.51 6.67 3.15
N THR A 289 -9.16 6.32 1.93
CA THR A 289 -7.78 6.56 1.52
C THR A 289 -7.75 7.26 0.20
N CYS A 290 -6.57 7.72 -0.17
CA CYS A 290 -6.32 8.27 -1.46
C CYS A 290 -4.86 7.92 -1.80
N HIS A 291 -4.58 7.80 -3.11
CA HIS A 291 -3.26 7.56 -3.65
C HIS A 291 -2.95 8.67 -4.63
N CYS A 292 -1.74 9.17 -4.66
CA CYS A 292 -1.43 10.21 -5.62
C CYS A 292 -0.19 9.83 -6.49
N TRP A 293 -0.36 9.74 -7.81
CA TRP A 293 0.69 9.37 -8.74
C TRP A 293 0.98 10.35 -9.87
N VAL A 294 1.68 11.44 -9.59
CA VAL A 294 1.78 12.55 -10.60
C VAL A 294 2.36 12.23 -11.97
N GLU A 295 3.42 11.42 -12.00
CA GLU A 295 4.06 11.03 -13.24
C GLU A 295 3.19 10.02 -13.99
N ASN A 296 2.65 9.01 -13.29
CA ASN A 296 1.87 7.98 -13.96
C ASN A 296 0.70 8.61 -14.68
N TRP A 297 0.13 9.67 -14.06
CA TRP A 297 -1.09 10.34 -14.51
C TRP A 297 -0.85 11.43 -15.51
N GLY A 298 0.37 11.59 -15.99
CA GLY A 298 0.72 12.68 -16.93
C GLY A 298 0.81 14.11 -16.34
N ILE A 299 0.81 14.27 -15.03
CA ILE A 299 0.90 15.59 -14.45
C ILE A 299 2.39 16.04 -14.37
N TYR A 300 3.31 15.14 -14.07
CA TYR A 300 4.69 15.48 -13.77
C TYR A 300 5.66 14.72 -14.65
N ASP A 301 6.62 15.46 -15.19
CA ASP A 301 7.61 14.89 -16.07
C ASP A 301 8.91 14.98 -15.30
N PRO A 302 9.42 13.81 -14.78
CA PRO A 302 10.62 13.93 -13.95
C PRO A 302 11.85 14.35 -14.74
N ALA A 303 11.80 14.34 -16.08
CA ALA A 303 13.00 14.70 -16.92
C ALA A 303 13.06 16.21 -17.25
N ASP A 304 12.08 16.97 -16.75
CA ASP A 304 11.98 18.40 -16.99
C ASP A 304 12.50 19.24 -15.80
N PRO A 305 13.66 19.95 -15.97
CA PRO A 305 14.22 20.67 -14.81
C PRO A 305 13.20 21.66 -14.27
N ASP A 306 12.33 22.13 -15.16
CA ASP A 306 11.25 23.07 -14.85
C ASP A 306 9.92 22.42 -14.44
N GLY A 307 9.88 21.08 -14.38
CA GLY A 307 8.60 20.37 -14.22
C GLY A 307 7.93 20.26 -12.84
N LEU A 308 8.63 20.63 -11.78
CA LEU A 308 8.10 20.38 -10.39
C LEU A 308 6.83 21.14 -9.95
N PRO A 309 6.75 22.50 -10.16
CA PRO A 309 5.52 23.25 -9.79
C PRO A 309 4.19 22.59 -10.22
N HIS A 310 4.09 21.99 -11.42
CA HIS A 310 2.82 21.31 -11.82
C HIS A 310 2.47 20.25 -10.77
N ALA A 311 3.47 19.46 -10.36
CA ALA A 311 3.26 18.40 -9.39
C ALA A 311 2.93 18.93 -7.97
N ASN A 312 3.67 19.94 -7.48
CA ASN A 312 3.32 20.60 -6.20
C ASN A 312 1.89 21.14 -6.18
N GLU A 313 1.52 21.89 -7.21
CA GLU A 313 0.16 22.46 -7.29
C GLU A 313 -0.90 21.34 -7.31
N TYR A 314 -0.65 20.31 -8.12
CA TYR A 314 -1.61 19.24 -8.21
C TYR A 314 -1.81 18.59 -6.82
N MET A 315 -0.69 18.25 -6.16
CA MET A 315 -0.75 17.62 -4.83
C MET A 315 -1.55 18.44 -3.81
N HIS A 316 -1.32 19.74 -3.80
CA HIS A 316 -2.00 20.65 -2.88
C HIS A 316 -3.52 20.68 -3.07
N ASP A 317 -3.98 20.86 -4.30
CA ASP A 317 -5.43 20.81 -4.61
C ASP A 317 -5.99 19.42 -4.32
N PHE A 318 -5.15 18.40 -4.56
CA PHE A 318 -5.52 17.03 -4.31
C PHE A 318 -5.80 16.77 -2.83
N LEU A 319 -4.92 17.23 -1.94
CA LEU A 319 -5.10 17.03 -0.51
C LEU A 319 -6.31 17.82 0.04
N GLU A 320 -6.50 19.10 -0.39
CA GLU A 320 -7.66 19.91 0.03
C GLU A 320 -8.97 19.20 -0.39
N SER A 321 -9.12 18.89 -1.68
CA SER A 321 -10.40 18.33 -2.16
C SER A 321 -10.74 16.95 -1.55
N ARG A 322 -9.75 16.06 -1.41
CA ARG A 322 -10.00 14.71 -0.90
C ARG A 322 -10.34 14.77 0.58
N SER A 323 -9.81 15.83 1.22
CA SER A 323 -10.03 16.12 2.62
C SER A 323 -11.48 16.57 2.82
N LYS A 324 -11.98 17.43 1.93
CA LYS A 324 -13.42 17.74 1.88
C LYS A 324 -14.27 16.49 1.64
N TRP A 325 -13.87 15.64 0.67
CA TRP A 325 -14.66 14.41 0.45
C TRP A 325 -14.79 13.53 1.70
N ALA A 326 -13.67 13.31 2.39
CA ALA A 326 -13.68 12.53 3.64
C ALA A 326 -14.62 13.17 4.69
N ALA A 327 -14.53 14.49 4.86
CA ALA A 327 -15.25 15.20 5.91
C ALA A 327 -16.79 15.15 5.60
N GLN A 328 -17.14 15.16 4.34
CA GLN A 328 -18.51 14.94 3.93
C GLN A 328 -19.04 13.56 4.40
N LEU A 329 -18.18 12.56 4.53
CA LEU A 329 -18.65 11.27 5.05
C LEU A 329 -18.41 11.21 6.52
N ASN A 330 -17.75 12.24 7.06
CA ASN A 330 -17.40 12.22 8.48
C ASN A 330 -16.61 10.91 8.76
N LYS A 331 -15.60 10.68 7.91
CA LYS A 331 -14.64 9.57 8.03
C LYS A 331 -13.19 10.08 7.90
N PRO A 332 -12.25 9.47 8.64
CA PRO A 332 -10.81 9.78 8.47
C PRO A 332 -10.29 9.55 7.05
N ILE A 333 -9.11 10.10 6.77
CA ILE A 333 -8.43 9.94 5.48
C ILE A 333 -6.92 9.86 5.64
N VAL A 334 -6.35 8.81 5.06
CA VAL A 334 -4.92 8.66 4.99
C VAL A 334 -4.47 8.68 3.54
N MET A 335 -3.46 9.49 3.20
CA MET A 335 -2.81 9.35 1.87
C MET A 335 -1.85 8.18 1.94
N GLU A 336 -2.36 7.01 1.57
CA GLU A 336 -1.64 5.80 1.90
C GLU A 336 -0.66 5.31 0.82
N ALA A 337 -0.50 6.05 -0.29
CA ALA A 337 0.52 5.74 -1.28
C ALA A 337 0.72 6.93 -2.19
N PHE A 338 1.94 7.44 -2.25
CA PHE A 338 2.28 8.51 -3.19
C PHE A 338 3.75 8.44 -3.45
N GLY A 339 4.16 8.73 -4.68
CA GLY A 339 5.60 8.73 -4.91
C GLY A 339 6.13 9.72 -5.95
N MET A 340 7.45 9.79 -6.02
CA MET A 340 8.09 10.54 -7.11
C MET A 340 9.44 9.94 -7.47
N ALA A 341 9.74 10.02 -8.77
CA ALA A 341 11.03 9.66 -9.38
C ALA A 341 12.23 10.44 -8.83
N ARG A 342 13.43 9.91 -9.06
CA ARG A 342 14.66 10.65 -8.83
C ARG A 342 14.85 11.79 -9.83
N ASP A 343 15.92 12.60 -9.63
CA ASP A 343 16.16 13.78 -10.51
C ASP A 343 16.64 13.41 -11.95
N ALA A 344 15.80 12.72 -12.73
CA ALA A 344 16.04 12.40 -14.16
C ALA A 344 16.46 13.63 -15.00
N TRP A 345 16.01 14.81 -14.59
CA TRP A 345 16.18 16.07 -15.31
C TRP A 345 17.62 16.56 -15.30
N ARG A 346 18.46 16.00 -14.44
CA ARG A 346 19.85 16.39 -14.39
C ARG A 346 20.61 15.81 -15.56
N ASN A 347 20.05 14.76 -16.16
CA ASN A 347 20.64 14.10 -17.29
C ASN A 347 19.50 13.47 -18.13
N PRO A 348 18.66 14.30 -18.77
CA PRO A 348 17.39 13.70 -19.35
C PRO A 348 17.58 12.77 -20.55
N GLU A 349 18.71 12.78 -21.22
CA GLU A 349 18.89 11.95 -22.39
C GLU A 349 19.27 10.48 -22.08
N ASP A 350 19.45 10.19 -20.81
CA ASP A 350 19.94 8.91 -20.40
C ASP A 350 18.89 8.30 -19.46
N GLU A 351 18.13 7.33 -19.96
CA GLU A 351 17.05 6.62 -19.24
C GLU A 351 17.57 5.85 -18.03
N THR A 352 18.75 5.29 -18.10
CA THR A 352 19.28 4.58 -16.91
C THR A 352 19.52 5.50 -15.73
N TYR A 353 19.99 6.72 -15.99
CA TYR A 353 20.41 7.58 -14.94
C TYR A 353 19.29 7.80 -13.89
N LYS A 354 18.04 7.73 -14.37
CA LYS A 354 16.87 8.07 -13.59
C LYS A 354 16.63 7.05 -12.45
N TYR A 355 17.22 5.84 -12.60
CA TYR A 355 16.99 4.76 -11.68
C TYR A 355 18.20 4.45 -10.85
N LEU A 356 19.29 5.20 -11.03
CA LEU A 356 20.51 4.87 -10.28
C LEU A 356 20.31 5.41 -8.85
N PRO A 357 20.60 4.57 -7.83
CA PRO A 357 20.65 5.13 -6.45
C PRO A 357 21.47 6.40 -6.29
N SER A 358 22.52 6.59 -7.09
CA SER A 358 23.38 7.76 -6.80
C SER A 358 22.73 9.03 -7.35
N THR A 359 21.67 8.89 -8.13
CA THR A 359 20.98 10.08 -8.62
C THR A 359 20.25 10.77 -7.47
N PRO A 360 20.40 12.10 -7.36
CA PRO A 360 19.76 12.88 -6.27
C PRO A 360 18.25 12.89 -6.37
N THR A 361 17.58 13.36 -5.34
CA THR A 361 16.15 13.29 -5.27
C THR A 361 15.71 14.66 -4.80
N SER A 362 16.20 15.73 -5.46
CA SER A 362 15.88 17.14 -4.99
C SER A 362 14.44 17.43 -5.27
N HIS A 363 13.93 17.01 -6.43
CA HIS A 363 12.50 17.25 -6.71
C HIS A 363 11.66 16.43 -5.73
N LYS A 364 11.87 15.10 -5.67
CA LYS A 364 11.16 14.23 -4.73
C LYS A 364 11.13 14.76 -3.28
N ASP A 365 12.26 15.35 -2.82
CA ASP A 365 12.34 15.79 -1.43
C ASP A 365 11.49 17.03 -1.27
N GLU A 366 11.51 17.95 -2.23
CA GLU A 366 10.66 19.10 -2.08
C GLU A 366 9.16 18.70 -2.02
N TYR A 367 8.79 17.87 -3.01
CA TYR A 367 7.44 17.37 -3.18
C TYR A 367 6.95 16.66 -1.92
N TYR A 368 7.78 15.76 -1.36
CA TYR A 368 7.45 15.09 -0.08
C TYR A 368 7.21 16.10 1.04
N GLN A 369 8.11 17.08 1.12
CA GLN A 369 8.13 18.04 2.21
C GLN A 369 6.91 18.93 2.18
N LYS A 370 6.54 19.37 0.98
CA LYS A 370 5.37 20.22 0.84
C LYS A 370 4.11 19.41 1.13
N ALA A 371 4.09 18.14 0.71
CA ALA A 371 2.95 17.24 1.01
C ALA A 371 2.84 17.03 2.49
N PHE A 372 3.96 16.68 3.10
CA PHE A 372 4.02 16.53 4.53
C PHE A 372 3.56 17.78 5.31
N ASN A 373 4.07 18.96 4.96
CA ASN A 373 3.75 20.15 5.74
C ASN A 373 2.28 20.43 5.64
N GLN A 374 1.70 20.20 4.48
CA GLN A 374 0.28 20.38 4.34
C GLN A 374 -0.54 19.34 5.13
N ILE A 375 -0.04 18.10 5.18
CA ILE A 375 -0.71 17.07 5.96
C ILE A 375 -0.62 17.40 7.47
N VAL A 376 0.52 17.86 7.96
CA VAL A 376 0.66 18.21 9.38
C VAL A 376 -0.34 19.33 9.71
N SER A 377 -0.39 20.32 8.83
CA SER A 377 -1.37 21.41 8.98
C SER A 377 -2.85 20.98 8.99
N LEU A 378 -3.24 20.17 8.03
CA LEU A 378 -4.59 19.62 8.03
C LEU A 378 -4.86 18.74 9.25
N ALA A 379 -3.88 17.95 9.67
CA ALA A 379 -4.11 17.00 10.77
C ALA A 379 -4.38 17.74 12.08
N SER A 380 -3.65 18.85 12.29
CA SER A 380 -3.88 19.70 13.48
C SER A 380 -5.27 20.39 13.45
N ASN A 381 -5.87 20.48 12.29
CA ASN A 381 -7.30 20.85 12.14
C ASN A 381 -8.25 19.68 12.10
N ARG A 382 -7.76 18.48 12.43
CA ARG A 382 -8.65 17.33 12.54
CA ARG A 382 -8.60 17.29 12.50
C ARG A 382 -9.24 17.01 11.14
N SER A 383 -8.48 17.26 10.08
CA SER A 383 -8.97 17.06 8.72
CA SER A 383 -8.99 17.04 8.73
C SER A 383 -8.12 16.11 7.88
N PHE A 384 -7.16 15.43 8.51
CA PHE A 384 -6.28 14.49 7.79
C PHE A 384 -5.60 13.63 8.83
N SER A 385 -5.38 12.35 8.53
CA SER A 385 -4.81 11.44 9.54
C SER A 385 -3.39 10.94 9.26
N GLY A 386 -2.77 11.33 8.14
CA GLY A 386 -1.38 10.97 7.97
C GLY A 386 -1.14 10.40 6.60
N SER A 387 -0.06 9.63 6.43
CA SER A 387 0.28 9.17 5.09
C SER A 387 1.23 8.01 5.12
N ASN A 388 1.35 7.34 3.97
CA ASN A 388 2.31 6.28 3.81
C ASN A 388 3.03 6.55 2.52
N PHE A 389 4.28 7.01 2.58
CA PHE A 389 4.99 7.20 1.34
C PHE A 389 5.13 5.84 0.59
N TRP A 390 5.13 5.92 -0.72
CA TRP A 390 5.40 4.76 -1.57
C TRP A 390 6.80 4.87 -2.14
N ALA A 391 7.84 4.21 -1.61
CA ALA A 391 7.73 3.04 -0.76
C ALA A 391 9.12 2.89 -0.20
N TYR A 392 9.24 2.29 0.97
CA TYR A 392 10.56 2.07 1.56
C TYR A 392 11.35 0.99 0.86
N GLY A 393 12.56 1.28 0.40
CA GLY A 393 13.42 0.31 -0.30
C GLY A 393 14.50 -0.22 0.62
N GLY A 394 14.80 0.48 1.72
CA GLY A 394 15.73 -0.05 2.71
C GLY A 394 17.12 -0.29 2.13
N GLU A 395 17.60 -1.52 2.27
CA GLU A 395 18.95 -1.96 1.86
C GLU A 395 18.95 -2.43 0.43
N GLY A 396 17.76 -2.62 -0.15
CA GLY A 396 17.67 -3.01 -1.54
C GLY A 396 18.30 -1.92 -2.36
N ARG A 397 18.65 -2.23 -3.62
CA ARG A 397 19.26 -1.24 -4.55
C ARG A 397 19.00 -1.71 -5.97
N SER A 398 18.71 -0.77 -6.86
CA SER A 398 18.28 -1.15 -8.18
C SER A 398 19.42 -1.70 -9.04
N THR A 399 20.65 -1.55 -8.54
CA THR A 399 21.86 -2.04 -9.20
C THR A 399 22.24 -3.47 -8.74
N TYR A 400 21.53 -4.04 -7.78
CA TYR A 400 21.96 -5.31 -7.19
C TYR A 400 21.40 -6.43 -8.03
N PRO A 401 22.04 -7.62 -8.00
CA PRO A 401 21.49 -8.61 -8.96
C PRO A 401 20.22 -9.28 -8.37
N PRO A 402 19.32 -9.80 -9.23
CA PRO A 402 18.11 -10.51 -8.74
C PRO A 402 18.47 -11.68 -7.82
N ASN A 403 17.64 -12.07 -6.86
CA ASN A 403 17.87 -13.30 -6.09
C ASN A 403 17.56 -14.60 -6.95
N PRO A 404 17.76 -15.81 -6.37
CA PRO A 404 17.53 -16.98 -7.29
C PRO A 404 16.08 -17.08 -7.82
N TYR A 405 15.12 -16.36 -7.19
CA TYR A 405 13.77 -16.32 -7.75
C TYR A 405 13.56 -15.19 -8.83
N GLY A 406 14.62 -14.49 -9.27
CA GLY A 406 14.46 -13.39 -10.19
C GLY A 406 13.96 -12.10 -9.58
N MET A 407 13.96 -11.99 -8.25
CA MET A 407 13.60 -10.77 -7.53
C MET A 407 14.74 -9.82 -7.12
N VAL A 408 14.64 -8.56 -7.53
CA VAL A 408 15.44 -7.48 -6.92
C VAL A 408 14.48 -6.77 -5.95
N TRP A 409 14.46 -7.24 -4.70
CA TRP A 409 13.57 -6.67 -3.70
C TRP A 409 13.94 -5.26 -3.38
N LEU A 410 12.94 -4.39 -3.47
CA LEU A 410 13.07 -3.02 -2.98
C LEU A 410 11.66 -2.46 -3.03
N GLY A 411 11.50 -1.14 -3.17
CA GLY A 411 10.21 -0.56 -2.95
C GLY A 411 9.33 -0.60 -4.18
N ASP A 412 9.96 -0.79 -5.33
CA ASP A 412 9.26 -0.88 -6.64
C ASP A 412 8.88 -2.31 -7.06
N PRO A 413 7.60 -2.58 -7.21
CA PRO A 413 7.19 -3.96 -7.62
C PRO A 413 7.68 -4.32 -9.04
N PRO A 414 7.70 -5.63 -9.36
CA PRO A 414 8.44 -6.12 -10.58
C PRO A 414 7.71 -5.88 -11.89
N HIS A 415 6.64 -5.07 -11.90
CA HIS A 415 6.01 -4.66 -13.16
C HIS A 415 6.51 -3.29 -13.54
N GLU A 416 7.33 -2.68 -12.66
CA GLU A 416 7.91 -1.34 -12.86
C GLU A 416 9.45 -1.34 -12.78
N PRO A 417 10.12 -0.31 -13.39
CA PRO A 417 11.60 -0.28 -13.28
C PRO A 417 12.09 -0.31 -11.82
N HIS A 418 13.08 -1.17 -11.53
CA HIS A 418 13.71 -1.17 -10.22
C HIS A 418 14.22 0.24 -9.92
N GLY A 419 13.89 0.73 -8.72
CA GLY A 419 14.50 1.95 -8.26
C GLY A 419 13.73 3.18 -8.67
N TRP A 420 12.56 3.02 -9.27
CA TRP A 420 11.76 4.18 -9.75
C TRP A 420 11.37 5.07 -8.60
N TYR A 421 10.80 4.46 -7.55
CA TYR A 421 10.26 5.26 -6.46
C TYR A 421 10.85 4.96 -5.14
N SER A 422 11.67 3.92 -5.07
CA SER A 422 12.17 3.46 -3.77
C SER A 422 12.78 4.63 -2.94
N VAL A 423 12.53 4.67 -1.63
CA VAL A 423 13.34 5.44 -0.72
C VAL A 423 14.39 4.50 -0.12
N TYR A 424 15.65 4.77 -0.35
CA TYR A 424 16.76 3.95 0.19
C TYR A 424 17.15 4.39 1.61
N SER A 425 17.71 3.44 2.39
CA SER A 425 18.11 3.68 3.77
C SER A 425 18.96 4.95 3.97
N ASN A 426 19.71 5.38 2.98
CA ASN A 426 20.55 6.54 3.19
C ASN A 426 20.28 7.69 2.18
N ASP A 427 19.12 7.69 1.54
CA ASP A 427 18.74 8.76 0.68
C ASP A 427 18.52 10.00 1.55
N THR A 428 18.65 11.17 0.92
CA THR A 428 18.41 12.43 1.58
C THR A 428 16.91 12.56 2.01
N THR A 429 16.03 11.71 1.46
CA THR A 429 14.60 11.85 1.67
C THR A 429 14.25 11.38 3.10
N VAL A 430 15.14 10.55 3.65
CA VAL A 430 14.99 10.02 5.01
C VAL A 430 14.84 11.14 6.06
N GLN A 431 15.73 12.12 6.09
CA GLN A 431 15.62 13.24 7.00
C GLN A 431 14.23 13.95 6.84
N ILE A 432 13.77 14.13 5.59
CA ILE A 432 12.46 14.72 5.38
C ILE A 432 11.30 13.87 5.96
N ILE A 433 11.40 12.56 5.83
CA ILE A 433 10.37 11.66 6.38
C ILE A 433 10.44 11.71 7.91
N LYS A 434 11.67 11.64 8.41
CA LYS A 434 11.92 11.65 9.83
C LYS A 434 11.33 12.92 10.48
N ASP A 435 11.50 14.05 9.80
CA ASP A 435 11.02 15.34 10.29
C ASP A 435 9.50 15.39 10.29
N TYR A 436 8.91 14.92 9.19
CA TYR A 436 7.47 14.78 9.10
C TYR A 436 6.85 13.92 10.20
N ASN A 437 7.47 12.78 10.50
CA ASN A 437 6.97 11.91 11.58
C ASN A 437 7.05 12.61 12.93
N ALA A 438 8.15 13.34 13.18
CA ALA A 438 8.26 14.16 14.41
C ALA A 438 7.16 15.22 14.42
N ASN A 439 6.97 15.90 13.30
CA ASN A 439 5.94 16.96 13.25
C ASN A 439 4.57 16.46 13.51
N LEU A 440 4.27 15.26 13.01
CA LEU A 440 2.95 14.71 13.10
C LEU A 440 2.73 14.19 14.50
N LEU A 441 3.74 13.53 15.05
CA LEU A 441 3.73 13.17 16.46
C LEU A 441 3.56 14.39 17.40
N LYS A 442 4.22 15.53 17.14
CA LYS A 442 3.89 16.76 17.89
C LYS A 442 2.37 17.04 17.77
N VAL A 443 1.84 17.07 16.55
CA VAL A 443 0.41 17.31 16.36
C VAL A 443 -0.46 16.30 17.16
N GLN A 444 -0.08 15.02 17.17
CA GLN A 444 -0.85 14.05 17.88
C GLN A 444 -0.90 14.34 19.38
N LYS A 445 0.23 14.77 19.97
CA LYS A 445 0.27 15.26 21.36
C LYS A 445 -0.58 16.51 21.59
N GLU A 446 -0.61 17.41 20.64
CA GLU A 446 -1.45 18.61 20.79
C GLU A 446 -2.94 18.31 20.69
N LEU A 447 -3.35 17.32 19.92
CA LEU A 447 -4.73 16.91 19.95
C LEU A 447 -5.18 16.07 21.19
N SER A 448 -4.22 15.57 22.00
CA SER A 448 -4.46 14.69 23.17
C SER A 448 -4.83 15.51 24.41
N LYS A 449 -4.26 16.72 24.50
CA LYS A 449 -4.29 17.58 25.72
C LYS A 449 -5.48 18.54 25.67
#